data_8XJR
#
_entry.id   8XJR
#
_cell.length_a   64.222
_cell.length_b   113.206
_cell.length_c   198.403
_cell.angle_alpha   90.00
_cell.angle_beta   90.00
_cell.angle_gamma   90.00
#
_symmetry.space_group_name_H-M   'I 21 21 21'
#
loop_
_entity.id
_entity.type
_entity.pdbx_description
1 polymer 'DNA polymerase I, thermostable'
2 non-polymer 'SULFATE ION'
3 water water
#
_entity_poly.entity_id   1
_entity_poly.type   'polypeptide(L)'
_entity_poly.pdbx_seq_one_letter_code
;MAQPASPKALEEAPWPPPEGAFVGFVLSRKEPMWADLLALAAARGGRVHRAPEPYKALRDLKEARGLLAKDLSVLALREG
LGLPPGDDPMLLAYLLDPSNTTPEGVARRYGGEWTEEAGERAALSERLFANLWGRLEGEERLLWLYREVERPLSAVLAHM
EATGVRLDVAYLRALSLEVAEEIARLEAEVFRLAGHPFNLNSRDQLERVLFDELGLPAIGKTEKTGKRSTSAAALEALRE
AHPIVEKILQYRELTKLKSTYIDPLPDLIHPRTGRLHTRFNQTATATGRLSSSDPNLQSIPVRTPLGQRIRRAFIAEEGW
LLVALDYSQEGLRVLAHLSGDENLIRVFQEGRDIHTETASWMFGVPREAVNPLMRRAAKTINFGVLYGMSAHRLSQKLAI
PYEEAQAFIERYFQSFPKVRAWIEKTLEEGRRRGYVETLFGRRRYVPDLEARVKSVRQAAERRAFNMPVQGTAADLMKLA
MVKLFPRLEEMGARMLLQVHDELVLEAPKERAEAVARLAKEVMEGVYPLAVPLEVEVGIGEDWLSAKEAAALEHHHHHH
;
_entity_poly.pdbx_strand_id   A
#
loop_
_chem_comp.id
_chem_comp.type
_chem_comp.name
_chem_comp.formula
SO4 non-polymer 'SULFATE ION' 'O4 S -2'
#
# COMPACT_ATOMS: atom_id res chain seq x y z
N GLN A 3 -50.92 -11.20 2.85
CA GLN A 3 -49.83 -10.99 1.86
C GLN A 3 -49.36 -9.54 1.91
N PRO A 4 -48.03 -9.27 1.85
CA PRO A 4 -47.52 -7.90 1.93
C PRO A 4 -47.68 -7.12 0.63
N ALA A 5 -47.56 -5.79 0.74
CA ALA A 5 -47.43 -4.94 -0.42
C ALA A 5 -46.10 -5.26 -1.10
N SER A 6 -46.06 -5.09 -2.42
CA SER A 6 -44.83 -5.25 -3.19
C SER A 6 -43.98 -3.99 -3.03
N PRO A 7 -42.64 -4.09 -2.95
CA PRO A 7 -41.79 -2.90 -2.86
C PRO A 7 -41.81 -2.11 -4.16
N LYS A 8 -41.57 -0.79 -4.05
CA LYS A 8 -41.42 0.06 -5.22
C LYS A 8 -40.36 -0.55 -6.15
N ALA A 9 -40.70 -0.61 -7.45
CA ALA A 9 -39.75 -1.03 -8.46
C ALA A 9 -39.10 0.21 -9.06
N LEU A 10 -37.89 0.03 -9.57
CA LEU A 10 -37.22 1.06 -10.34
C LEU A 10 -37.97 1.29 -11.64
N GLU A 11 -38.26 2.56 -11.93
CA GLU A 11 -38.78 2.97 -13.22
C GLU A 11 -37.67 2.82 -14.25
N GLU A 12 -38.00 2.37 -15.46
CA GLU A 12 -36.97 2.09 -16.45
C GLU A 12 -37.26 2.84 -17.75
N ALA A 13 -36.21 3.45 -18.30
CA ALA A 13 -36.25 4.21 -19.53
C ALA A 13 -35.16 3.73 -20.48
N PRO A 14 -35.23 4.08 -21.79
CA PRO A 14 -34.29 3.54 -22.77
C PRO A 14 -32.89 4.12 -22.66
N TRP A 15 -31.88 3.34 -23.05
CA TRP A 15 -30.52 3.82 -23.21
C TRP A 15 -30.49 4.87 -24.32
N PRO A 16 -29.62 5.90 -24.30
CA PRO A 16 -28.70 6.18 -23.20
C PRO A 16 -29.33 7.01 -22.09
N PRO A 17 -28.69 7.08 -20.90
CA PRO A 17 -29.20 7.90 -19.79
C PRO A 17 -28.84 9.36 -19.96
N PRO A 18 -29.43 10.28 -19.15
CA PRO A 18 -29.05 11.69 -19.20
C PRO A 18 -27.69 11.96 -18.57
N GLU A 19 -27.22 13.20 -18.72
CA GLU A 19 -25.96 13.65 -18.17
C GLU A 19 -26.02 13.57 -16.64
N GLY A 20 -24.96 13.05 -16.02
CA GLY A 20 -24.85 13.01 -14.57
C GLY A 20 -25.42 11.72 -13.97
N ALA A 21 -25.85 10.78 -14.82
CA ALA A 21 -26.39 9.52 -14.34
C ALA A 21 -25.31 8.72 -13.62
N PHE A 22 -25.73 7.93 -12.63
CA PHE A 22 -24.85 7.02 -11.92
C PHE A 22 -24.87 5.63 -12.57
N VAL A 23 -23.68 5.05 -12.78
CA VAL A 23 -23.54 3.79 -13.49
C VAL A 23 -23.55 2.64 -12.48
N GLY A 24 -24.09 1.50 -12.92
CA GLY A 24 -23.90 0.21 -12.29
C GLY A 24 -23.48 -0.82 -13.33
N PHE A 25 -22.69 -1.80 -12.92
CA PHE A 25 -22.12 -2.73 -13.88
C PHE A 25 -21.77 -4.05 -13.18
N VAL A 26 -21.85 -5.12 -13.97
CA VAL A 26 -21.52 -6.44 -13.50
C VAL A 26 -20.45 -6.98 -14.43
N LEU A 27 -19.35 -7.44 -13.81
CA LEU A 27 -18.24 -8.07 -14.51
C LEU A 27 -18.33 -9.58 -14.30
N SER A 28 -17.72 -10.34 -15.22
CA SER A 28 -17.69 -11.79 -15.12
C SER A 28 -16.75 -12.25 -14.00
N ARG A 29 -15.78 -11.39 -13.64
CA ARG A 29 -14.89 -11.63 -12.52
C ARG A 29 -14.41 -10.26 -12.01
N LYS A 30 -13.75 -10.23 -10.86
CA LYS A 30 -13.54 -8.98 -10.13
C LYS A 30 -12.48 -8.12 -10.82
N GLU A 31 -11.51 -8.76 -11.52
CA GLU A 31 -10.40 -8.06 -12.14
C GLU A 31 -10.82 -7.47 -13.48
N PRO A 32 -11.04 -6.13 -13.60
CA PRO A 32 -11.59 -5.56 -14.83
C PRO A 32 -10.76 -5.81 -16.09
N MET A 33 -9.43 -5.90 -15.96
CA MET A 33 -8.61 -6.15 -17.13
C MET A 33 -8.86 -7.55 -17.69
N TRP A 34 -9.33 -8.48 -16.84
CA TRP A 34 -9.57 -9.86 -17.22
C TRP A 34 -11.06 -10.19 -17.40
N ALA A 35 -11.94 -9.20 -17.23
CA ALA A 35 -13.37 -9.47 -17.12
C ALA A 35 -14.10 -9.19 -18.42
N ASP A 36 -15.21 -9.92 -18.59
CA ASP A 36 -16.24 -9.53 -19.54
C ASP A 36 -17.25 -8.62 -18.83
N LEU A 37 -17.61 -7.53 -19.50
CA LEU A 37 -18.69 -6.67 -19.06
C LEU A 37 -20.04 -7.30 -19.42
N LEU A 38 -20.69 -7.89 -18.42
CA LEU A 38 -21.92 -8.65 -18.60
C LEU A 38 -23.13 -7.72 -18.69
N ALA A 39 -23.14 -6.64 -17.90
CA ALA A 39 -24.27 -5.73 -17.89
C ALA A 39 -23.83 -4.32 -17.51
N LEU A 40 -24.56 -3.34 -18.03
CA LEU A 40 -24.32 -1.93 -17.73
C LEU A 40 -25.66 -1.23 -17.63
N ALA A 41 -25.90 -0.57 -16.49
CA ALA A 41 -27.09 0.24 -16.28
C ALA A 41 -26.67 1.60 -15.72
N ALA A 42 -27.59 2.57 -15.81
CA ALA A 42 -27.37 3.88 -15.25
C ALA A 42 -28.67 4.31 -14.58
N ALA A 43 -28.58 5.24 -13.63
CA ALA A 43 -29.74 5.62 -12.84
C ALA A 43 -29.72 7.11 -12.56
N ARG A 44 -30.90 7.73 -12.60
CA ARG A 44 -31.06 9.13 -12.26
C ARG A 44 -32.49 9.42 -11.85
N GLY A 45 -32.65 10.02 -10.66
CA GLY A 45 -33.93 10.42 -10.11
C GLY A 45 -34.95 9.28 -10.10
N GLY A 46 -34.54 8.13 -9.53
CA GLY A 46 -35.41 6.97 -9.45
C GLY A 46 -35.82 6.45 -10.83
N ARG A 47 -34.87 6.43 -11.76
CA ARG A 47 -35.09 5.91 -13.09
C ARG A 47 -33.83 5.20 -13.54
N VAL A 48 -33.96 4.00 -14.12
CA VAL A 48 -32.83 3.17 -14.49
C VAL A 48 -32.87 2.91 -16.00
N HIS A 49 -31.70 3.02 -16.64
CA HIS A 49 -31.51 2.78 -18.06
C HIS A 49 -30.55 1.61 -18.25
N ARG A 50 -31.03 0.54 -18.92
CA ARG A 50 -30.23 -0.65 -19.13
C ARG A 50 -29.66 -0.63 -20.54
N ALA A 51 -28.35 -0.87 -20.65
CA ALA A 51 -27.67 -0.88 -21.93
C ALA A 51 -27.91 -2.21 -22.64
N PRO A 52 -28.36 -2.22 -23.91
CA PRO A 52 -28.64 -3.48 -24.61
C PRO A 52 -27.38 -4.29 -24.96
N GLU A 53 -26.35 -3.60 -25.49
CA GLU A 53 -25.02 -4.19 -25.59
C GLU A 53 -24.04 -3.35 -24.77
N PRO A 54 -23.68 -3.81 -23.55
CA PRO A 54 -22.80 -3.06 -22.67
C PRO A 54 -21.60 -2.34 -23.29
N TYR A 55 -20.82 -3.03 -24.11
CA TYR A 55 -19.56 -2.50 -24.61
C TYR A 55 -19.78 -1.25 -25.46
N LYS A 56 -20.79 -1.29 -26.34
CA LYS A 56 -21.12 -0.16 -27.20
C LYS A 56 -21.64 1.00 -26.35
N ALA A 57 -22.36 0.65 -25.27
CA ALA A 57 -23.02 1.63 -24.42
C ALA A 57 -22.02 2.50 -23.65
N LEU A 58 -20.79 2.01 -23.44
CA LEU A 58 -19.75 2.78 -22.77
C LEU A 58 -19.50 4.10 -23.49
N ARG A 59 -19.62 4.10 -24.82
CA ARG A 59 -19.28 5.25 -25.65
C ARG A 59 -20.25 6.41 -25.37
N ASP A 60 -21.45 6.07 -24.88
CA ASP A 60 -22.48 7.04 -24.57
C ASP A 60 -22.23 7.80 -23.26
N LEU A 61 -21.29 7.31 -22.43
CA LEU A 61 -21.02 7.92 -21.13
C LEU A 61 -19.88 8.92 -21.27
N LYS A 62 -19.99 10.05 -20.57
CA LYS A 62 -18.91 11.04 -20.50
C LYS A 62 -17.94 10.65 -19.37
N GLU A 63 -18.45 10.03 -18.31
CA GLU A 63 -17.59 9.50 -17.25
C GLU A 63 -18.26 8.28 -16.62
N ALA A 64 -17.47 7.55 -15.83
CA ALA A 64 -17.98 6.49 -14.98
C ALA A 64 -18.20 7.07 -13.59
N ARG A 65 -19.47 7.24 -13.22
CA ARG A 65 -19.85 7.84 -11.95
C ARG A 65 -20.66 6.84 -11.14
N GLY A 66 -20.06 6.26 -10.09
CA GLY A 66 -20.76 5.31 -9.26
C GLY A 66 -19.79 4.44 -8.45
N LEU A 67 -20.33 3.40 -7.82
CA LEU A 67 -19.53 2.44 -7.08
C LEU A 67 -18.52 1.79 -8.02
N LEU A 68 -17.26 1.70 -7.55
CA LEU A 68 -16.17 1.06 -8.27
C LEU A 68 -15.99 1.69 -9.65
N ALA A 69 -16.09 3.02 -9.70
CA ALA A 69 -15.96 3.75 -10.96
C ALA A 69 -14.63 3.48 -11.65
N LYS A 70 -13.54 3.42 -10.87
CA LYS A 70 -12.20 3.19 -11.40
C LYS A 70 -12.16 1.86 -12.17
N ASP A 71 -12.79 0.80 -11.65
CA ASP A 71 -12.77 -0.50 -12.30
C ASP A 71 -13.43 -0.46 -13.68
N LEU A 72 -14.54 0.26 -13.81
CA LEU A 72 -15.18 0.40 -15.12
C LEU A 72 -14.27 1.18 -16.06
N SER A 73 -13.62 2.24 -15.55
CA SER A 73 -12.68 3.01 -16.35
C SER A 73 -11.52 2.16 -16.87
N VAL A 74 -11.05 1.19 -16.07
CA VAL A 74 -9.96 0.31 -16.49
C VAL A 74 -10.40 -0.54 -17.67
N LEU A 75 -11.59 -1.12 -17.57
CA LEU A 75 -12.12 -1.95 -18.66
C LEU A 75 -12.34 -1.10 -19.90
N ALA A 76 -12.86 0.12 -19.74
CA ALA A 76 -13.01 1.05 -20.85
C ALA A 76 -11.65 1.28 -21.53
N LEU A 77 -10.61 1.62 -20.74
CA LEU A 77 -9.28 1.83 -21.27
C LEU A 77 -8.81 0.59 -22.04
N ARG A 78 -9.06 -0.62 -21.50
CA ARG A 78 -8.66 -1.85 -22.18
C ARG A 78 -9.30 -1.93 -23.58
N GLU A 79 -10.54 -1.45 -23.69
CA GLU A 79 -11.28 -1.45 -24.96
C GLU A 79 -10.95 -0.21 -25.79
N GLY A 80 -9.93 0.55 -25.41
CA GLY A 80 -9.45 1.67 -26.20
C GLY A 80 -10.25 2.96 -26.02
N LEU A 81 -11.06 3.04 -24.96
CA LEU A 81 -11.94 4.17 -24.72
C LEU A 81 -11.49 4.93 -23.47
N GLY A 82 -11.33 6.25 -23.61
CA GLY A 82 -10.91 7.10 -22.50
C GLY A 82 -12.11 7.59 -21.70
N LEU A 83 -12.63 6.73 -20.82
CA LEU A 83 -13.78 7.04 -19.99
C LEU A 83 -13.30 7.27 -18.56
N PRO A 84 -13.15 8.53 -18.10
CA PRO A 84 -12.56 8.79 -16.78
C PRO A 84 -13.54 8.44 -15.67
N PRO A 85 -13.03 7.96 -14.51
CA PRO A 85 -13.90 7.79 -13.35
C PRO A 85 -14.21 9.16 -12.74
N GLY A 86 -15.43 9.30 -12.24
CA GLY A 86 -15.87 10.49 -11.54
C GLY A 86 -16.21 10.15 -10.10
N ASP A 87 -17.34 10.70 -9.63
CA ASP A 87 -17.77 10.45 -8.26
C ASP A 87 -17.93 8.96 -8.02
N ASP A 88 -17.49 8.54 -6.83
CA ASP A 88 -17.58 7.18 -6.38
C ASP A 88 -17.86 7.23 -4.88
N PRO A 89 -19.03 6.74 -4.41
CA PRO A 89 -19.37 6.75 -2.98
C PRO A 89 -18.40 5.99 -2.09
N MET A 90 -17.67 5.01 -2.64
CA MET A 90 -16.63 4.30 -1.89
C MET A 90 -15.62 5.30 -1.33
N LEU A 91 -15.28 6.31 -2.14
CA LEU A 91 -14.27 7.30 -1.78
C LEU A 91 -14.80 8.22 -0.69
N LEU A 92 -16.10 8.60 -0.77
CA LEU A 92 -16.74 9.37 0.29
C LEU A 92 -16.77 8.57 1.61
N ALA A 93 -17.18 7.31 1.53
CA ALA A 93 -17.33 6.48 2.72
C ALA A 93 -15.98 6.30 3.42
N TYR A 94 -14.93 6.11 2.62
CA TYR A 94 -13.58 5.88 3.11
C TYR A 94 -13.04 7.10 3.87
N LEU A 95 -13.33 8.31 3.36
CA LEU A 95 -13.00 9.56 4.03
C LEU A 95 -13.79 9.76 5.31
N LEU A 96 -15.07 9.35 5.31
CA LEU A 96 -15.86 9.37 6.54
C LEU A 96 -15.29 8.43 7.60
N ASP A 97 -14.85 7.25 7.18
CA ASP A 97 -14.33 6.26 8.11
C ASP A 97 -13.57 5.22 7.29
N PRO A 98 -12.22 5.13 7.44
CA PRO A 98 -11.43 4.19 6.64
C PRO A 98 -11.68 2.72 6.96
N SER A 99 -12.58 2.40 7.90
CA SER A 99 -13.08 1.04 8.05
C SER A 99 -14.00 0.65 6.89
N ASN A 100 -14.47 1.66 6.13
CA ASN A 100 -15.34 1.46 4.97
C ASN A 100 -14.51 1.12 3.73
N THR A 101 -14.42 -0.18 3.40
CA THR A 101 -13.51 -0.61 2.34
C THR A 101 -14.19 -1.46 1.26
N THR A 102 -15.43 -1.94 1.48
CA THR A 102 -16.10 -2.78 0.50
C THR A 102 -17.48 -2.21 0.17
N PRO A 103 -17.97 -2.34 -1.09
CA PRO A 103 -19.32 -1.90 -1.44
C PRO A 103 -20.40 -2.60 -0.60
N GLU A 104 -20.23 -3.89 -0.29
CA GLU A 104 -21.22 -4.58 0.55
C GLU A 104 -21.27 -3.97 1.96
N GLY A 105 -20.10 -3.62 2.53
CA GLY A 105 -20.05 -3.00 3.85
C GLY A 105 -20.66 -1.61 3.88
N VAL A 106 -20.38 -0.83 2.83
CA VAL A 106 -20.87 0.54 2.70
C VAL A 106 -22.38 0.53 2.50
N ALA A 107 -22.90 -0.41 1.69
CA ALA A 107 -24.35 -0.54 1.53
C ALA A 107 -25.02 -0.93 2.84
N ARG A 108 -24.45 -1.90 3.56
CA ARG A 108 -24.97 -2.35 4.85
C ARG A 108 -25.01 -1.18 5.84
N ARG A 109 -23.94 -0.39 5.88
CA ARG A 109 -23.83 0.65 6.89
C ARG A 109 -24.75 1.83 6.57
N TYR A 110 -24.78 2.27 5.30
CA TYR A 110 -25.33 3.57 4.94
C TYR A 110 -26.64 3.44 4.16
N GLY A 111 -27.00 2.20 3.86
CA GLY A 111 -28.35 1.86 3.41
C GLY A 111 -28.36 1.28 2.02
N GLY A 112 -29.24 0.30 1.84
CA GLY A 112 -29.38 -0.41 0.60
C GLY A 112 -28.66 -1.75 0.71
N GLU A 113 -28.47 -2.39 -0.44
CA GLU A 113 -27.83 -3.70 -0.47
C GLU A 113 -27.05 -3.82 -1.78
N TRP A 114 -25.82 -4.34 -1.68
CA TRP A 114 -24.99 -4.66 -2.82
C TRP A 114 -25.46 -5.99 -3.42
N THR A 115 -25.98 -5.95 -4.65
CA THR A 115 -26.51 -7.15 -5.29
C THR A 115 -25.74 -7.40 -6.58
N GLU A 116 -26.19 -8.40 -7.35
CA GLU A 116 -25.48 -8.83 -8.55
C GLU A 116 -26.20 -8.35 -9.82
N GLU A 117 -26.97 -7.27 -9.73
CA GLU A 117 -27.76 -6.78 -10.85
C GLU A 117 -27.39 -5.32 -11.12
N ALA A 118 -27.06 -5.00 -12.38
CA ALA A 118 -26.43 -3.73 -12.72
C ALA A 118 -27.35 -2.55 -12.44
N GLY A 119 -28.66 -2.72 -12.67
CA GLY A 119 -29.64 -1.67 -12.44
C GLY A 119 -29.73 -1.30 -10.96
N GLU A 120 -29.77 -2.31 -10.10
CA GLU A 120 -29.80 -2.11 -8.66
C GLU A 120 -28.52 -1.42 -8.17
N ARG A 121 -27.36 -1.81 -8.73
CA ARG A 121 -26.07 -1.21 -8.35
C ARG A 121 -26.03 0.26 -8.77
N ALA A 122 -26.66 0.58 -9.91
CA ALA A 122 -26.73 1.94 -10.39
C ALA A 122 -27.57 2.80 -9.46
N ALA A 123 -28.71 2.27 -9.01
CA ALA A 123 -29.61 2.97 -8.12
C ALA A 123 -28.99 3.09 -6.72
N LEU A 124 -28.29 2.02 -6.29
CA LEU A 124 -27.56 2.03 -5.04
C LEU A 124 -26.51 3.14 -5.06
N SER A 125 -25.73 3.20 -6.13
CA SER A 125 -24.69 4.21 -6.31
C SER A 125 -25.27 5.62 -6.14
N GLU A 126 -26.40 5.89 -6.81
CA GLU A 126 -27.01 7.21 -6.76
C GLU A 126 -27.37 7.55 -5.31
N ARG A 127 -28.01 6.58 -4.65
CA ARG A 127 -28.54 6.82 -3.32
C ARG A 127 -27.40 6.97 -2.32
N LEU A 128 -26.35 6.15 -2.46
CA LEU A 128 -25.22 6.19 -1.53
C LEU A 128 -24.51 7.52 -1.67
N PHE A 129 -24.35 7.99 -2.91
CA PHE A 129 -23.69 9.27 -3.13
C PHE A 129 -24.44 10.39 -2.42
N ALA A 130 -25.77 10.43 -2.59
CA ALA A 130 -26.58 11.47 -1.98
C ALA A 130 -26.43 11.44 -0.46
N ASN A 131 -26.54 10.24 0.13
CA ASN A 131 -26.48 10.06 1.57
CA ASN A 131 -26.49 10.09 1.56
C ASN A 131 -25.12 10.50 2.11
N LEU A 132 -24.05 9.97 1.50
CA LEU A 132 -22.69 10.21 1.99
C LEU A 132 -22.25 11.64 1.73
N TRP A 133 -22.66 12.23 0.60
CA TRP A 133 -22.39 13.64 0.35
C TRP A 133 -23.01 14.50 1.45
N GLY A 134 -24.24 14.16 1.85
CA GLY A 134 -24.92 14.83 2.94
C GLY A 134 -24.17 14.71 4.27
N ARG A 135 -23.57 13.53 4.53
CA ARG A 135 -22.83 13.30 5.77
C ARG A 135 -21.55 14.13 5.82
N LEU A 136 -21.08 14.59 4.65
CA LEU A 136 -19.80 15.29 4.56
C LEU A 136 -20.02 16.80 4.51
N GLU A 137 -21.28 17.25 4.63
CA GLU A 137 -21.59 18.67 4.61
C GLU A 137 -20.92 19.33 5.81
N GLY A 138 -20.22 20.43 5.54
CA GLY A 138 -19.52 21.17 6.58
C GLY A 138 -18.19 20.52 6.97
N GLU A 139 -17.79 19.44 6.29
CA GLU A 139 -16.47 18.86 6.50
C GLU A 139 -15.55 19.36 5.40
N GLU A 140 -15.15 20.64 5.48
CA GLU A 140 -14.44 21.27 4.37
C GLU A 140 -13.15 20.54 4.00
N ARG A 141 -12.38 20.11 5.00
CA ARG A 141 -11.10 19.49 4.73
C ARG A 141 -11.30 18.15 4.02
N LEU A 142 -12.29 17.35 4.43
CA LEU A 142 -12.57 16.08 3.76
C LEU A 142 -13.05 16.35 2.32
N LEU A 143 -13.87 17.38 2.12
CA LEU A 143 -14.40 17.66 0.79
C LEU A 143 -13.27 18.08 -0.16
N TRP A 144 -12.33 18.85 0.37
CA TRP A 144 -11.19 19.32 -0.39
C TRP A 144 -10.30 18.13 -0.77
N LEU A 145 -10.09 17.21 0.16
CA LEU A 145 -9.31 16.00 -0.08
C LEU A 145 -9.99 15.16 -1.16
N TYR A 146 -11.31 15.06 -1.09
CA TYR A 146 -12.08 14.37 -2.10
C TYR A 146 -11.85 14.97 -3.48
N ARG A 147 -12.01 16.31 -3.62
CA ARG A 147 -11.98 16.99 -4.90
CA ARG A 147 -11.98 16.95 -4.92
C ARG A 147 -10.55 17.04 -5.46
N GLU A 148 -9.58 17.25 -4.56
CA GLU A 148 -8.22 17.57 -4.99
C GLU A 148 -7.29 16.36 -4.99
N VAL A 149 -7.61 15.29 -4.23
CA VAL A 149 -6.76 14.10 -4.19
C VAL A 149 -7.55 12.86 -4.63
N GLU A 150 -8.58 12.48 -3.88
CA GLU A 150 -9.15 11.14 -4.02
C GLU A 150 -9.79 10.95 -5.40
N ARG A 151 -10.66 11.88 -5.79
CA ARG A 151 -11.38 11.72 -7.05
C ARG A 151 -10.41 11.80 -8.23
N PRO A 152 -9.50 12.80 -8.33
CA PRO A 152 -8.50 12.76 -9.39
C PRO A 152 -7.56 11.55 -9.37
N LEU A 153 -7.23 11.08 -8.17
CA LEU A 153 -6.32 9.93 -8.06
C LEU A 153 -6.94 8.69 -8.70
N SER A 154 -8.26 8.54 -8.63
CA SER A 154 -8.94 7.38 -9.19
C SER A 154 -8.68 7.26 -10.69
N ALA A 155 -8.56 8.37 -11.42
CA ALA A 155 -8.18 8.34 -12.84
C ALA A 155 -6.72 7.94 -13.01
N VAL A 156 -5.85 8.38 -12.09
CA VAL A 156 -4.45 7.99 -12.15
C VAL A 156 -4.34 6.47 -11.98
N LEU A 157 -5.03 5.92 -10.97
CA LEU A 157 -5.02 4.49 -10.71
C LEU A 157 -5.58 3.68 -11.89
N ALA A 158 -6.61 4.21 -12.59
CA ALA A 158 -7.15 3.54 -13.76
C ALA A 158 -6.08 3.39 -14.85
N HIS A 159 -5.31 4.46 -15.09
CA HIS A 159 -4.20 4.46 -16.02
C HIS A 159 -3.11 3.45 -15.61
N MET A 160 -2.77 3.40 -14.32
CA MET A 160 -1.71 2.50 -13.87
C MET A 160 -2.10 1.04 -14.13
N GLU A 161 -3.32 0.68 -13.73
CA GLU A 161 -3.82 -0.68 -13.80
C GLU A 161 -4.01 -1.09 -15.26
N ALA A 162 -4.57 -0.19 -16.09
CA ALA A 162 -4.83 -0.46 -17.50
C ALA A 162 -3.53 -0.54 -18.31
N THR A 163 -2.53 0.26 -17.96
CA THR A 163 -1.26 0.30 -18.68
C THR A 163 -0.46 -0.97 -18.37
N GLY A 164 -0.38 -1.32 -17.09
CA GLY A 164 0.34 -2.49 -16.65
C GLY A 164 1.84 -2.30 -16.77
N VAL A 165 2.58 -3.39 -16.54
CA VAL A 165 4.03 -3.39 -16.60
C VAL A 165 4.48 -4.64 -17.36
N ARG A 166 5.53 -4.48 -18.15
CA ARG A 166 6.16 -5.58 -18.85
C ARG A 166 7.02 -6.39 -17.88
N LEU A 167 7.00 -7.72 -18.04
CA LEU A 167 7.76 -8.66 -17.23
C LEU A 167 8.81 -9.37 -18.08
N ASP A 168 9.94 -9.74 -17.47
CA ASP A 168 10.94 -10.58 -18.09
C ASP A 168 10.66 -12.05 -17.74
N VAL A 169 9.98 -12.77 -18.64
CA VAL A 169 9.54 -14.13 -18.35
C VAL A 169 10.75 -15.06 -18.19
N ALA A 170 11.76 -14.93 -19.08
CA ALA A 170 12.93 -15.80 -19.02
C ALA A 170 13.66 -15.63 -17.69
N TYR A 171 13.78 -14.38 -17.21
CA TYR A 171 14.37 -14.09 -15.92
C TYR A 171 13.61 -14.79 -14.80
N LEU A 172 12.28 -14.68 -14.82
CA LEU A 172 11.43 -15.26 -13.79
C LEU A 172 11.56 -16.79 -13.74
N ARG A 173 11.65 -17.43 -14.92
CA ARG A 173 11.91 -18.87 -14.96
C ARG A 173 13.26 -19.21 -14.32
N ALA A 174 14.29 -18.45 -14.66
CA ALA A 174 15.63 -18.67 -14.12
C ALA A 174 15.63 -18.46 -12.60
N LEU A 175 14.92 -17.43 -12.12
CA LEU A 175 14.83 -17.21 -10.67
C LEU A 175 14.07 -18.35 -9.99
N SER A 176 12.98 -18.80 -10.62
CA SER A 176 12.15 -19.89 -10.12
C SER A 176 13.01 -21.15 -9.89
N LEU A 177 13.91 -21.45 -10.84
CA LEU A 177 14.76 -22.63 -10.76
C LEU A 177 15.75 -22.50 -9.61
N GLU A 178 16.29 -21.29 -9.43
CA GLU A 178 17.23 -21.04 -8.34
C GLU A 178 16.53 -21.31 -7.00
N VAL A 179 15.31 -20.78 -6.85
CA VAL A 179 14.57 -20.94 -5.61
C VAL A 179 14.18 -22.42 -5.43
N ALA A 180 13.82 -23.11 -6.52
CA ALA A 180 13.48 -24.54 -6.47
C ALA A 180 14.67 -25.35 -5.96
N GLU A 181 15.87 -24.98 -6.39
CA GLU A 181 17.10 -25.65 -5.96
C GLU A 181 17.30 -25.50 -4.44
N GLU A 182 17.04 -24.30 -3.89
CA GLU A 182 17.16 -24.06 -2.46
C GLU A 182 16.12 -24.86 -1.68
N ILE A 183 14.88 -24.84 -2.16
CA ILE A 183 13.78 -25.60 -1.57
C ILE A 183 14.17 -27.08 -1.48
N ALA A 184 14.74 -27.60 -2.58
CA ALA A 184 15.12 -29.00 -2.68
C ALA A 184 16.24 -29.31 -1.67
N ARG A 185 17.17 -28.38 -1.52
CA ARG A 185 18.27 -28.54 -0.57
C ARG A 185 17.74 -28.65 0.86
N LEU A 186 16.82 -27.74 1.23
CA LEU A 186 16.23 -27.70 2.55
C LEU A 186 15.39 -28.95 2.81
N GLU A 187 14.62 -29.37 1.80
CA GLU A 187 13.80 -30.55 1.91
C GLU A 187 14.67 -31.78 2.21
N ALA A 188 15.80 -31.90 1.48
CA ALA A 188 16.71 -33.03 1.62
C ALA A 188 17.30 -33.08 3.03
N GLU A 189 17.63 -31.91 3.60
CA GLU A 189 18.15 -31.81 4.94
C GLU A 189 17.11 -32.27 5.97
N VAL A 190 15.87 -31.78 5.80
CA VAL A 190 14.76 -32.14 6.66
C VAL A 190 14.58 -33.66 6.66
N PHE A 191 14.65 -34.28 5.48
CA PHE A 191 14.49 -35.72 5.33
C PHE A 191 15.60 -36.47 6.06
N ARG A 192 16.83 -35.96 5.97
CA ARG A 192 17.96 -36.59 6.63
C ARG A 192 17.77 -36.51 8.15
N LEU A 193 17.37 -35.33 8.64
CA LEU A 193 17.17 -35.12 10.07
C LEU A 193 15.99 -35.93 10.60
N ALA A 194 14.96 -36.14 9.77
CA ALA A 194 13.80 -36.93 10.16
C ALA A 194 14.11 -38.43 10.05
N GLY A 195 14.99 -38.80 9.11
CA GLY A 195 15.40 -40.18 8.92
C GLY A 195 14.62 -40.88 7.81
N HIS A 196 13.70 -40.14 7.18
CA HIS A 196 12.87 -40.69 6.13
C HIS A 196 12.22 -39.53 5.38
N PRO A 197 11.94 -39.70 4.08
CA PRO A 197 11.13 -38.73 3.34
C PRO A 197 9.70 -38.75 3.86
N PHE A 198 9.03 -37.60 3.78
CA PHE A 198 7.61 -37.51 4.03
C PHE A 198 7.10 -36.29 3.28
N ASN A 199 5.78 -36.15 3.16
CA ASN A 199 5.21 -34.96 2.56
C ASN A 199 5.29 -33.82 3.56
N LEU A 200 6.24 -32.90 3.35
CA LEU A 200 6.45 -31.75 4.21
C LEU A 200 5.22 -30.87 4.28
N ASN A 201 4.39 -30.89 3.23
CA ASN A 201 3.22 -30.03 3.13
C ASN A 201 2.01 -30.65 3.83
N SER A 202 2.15 -31.90 4.33
CA SER A 202 1.08 -32.57 5.04
C SER A 202 1.21 -32.31 6.54
N ARG A 203 0.12 -31.81 7.14
CA ARG A 203 0.10 -31.47 8.56
C ARG A 203 0.14 -32.74 9.40
N ASP A 204 -0.56 -33.78 8.97
CA ASP A 204 -0.63 -35.03 9.71
C ASP A 204 0.75 -35.68 9.73
N GLN A 205 1.38 -35.78 8.55
CA GLN A 205 2.67 -36.43 8.41
C GLN A 205 3.73 -35.67 9.20
N LEU A 206 3.63 -34.33 9.21
CA LEU A 206 4.62 -33.51 9.89
C LEU A 206 4.45 -33.60 11.42
N GLU A 207 3.21 -33.83 11.89
CA GLU A 207 2.95 -33.95 13.33
C GLU A 207 3.66 -35.18 13.89
N ARG A 208 3.49 -36.30 13.17
CA ARG A 208 4.16 -37.55 13.52
C ARG A 208 5.66 -37.30 13.69
N VAL A 209 6.27 -36.65 12.69
CA VAL A 209 7.72 -36.49 12.67
C VAL A 209 8.19 -35.65 13.86
N LEU A 210 7.52 -34.52 14.11
CA LEU A 210 8.01 -33.55 15.08
C LEU A 210 7.80 -34.06 16.51
N PHE A 211 6.63 -34.66 16.76
CA PHE A 211 6.16 -34.90 18.11
C PHE A 211 6.26 -36.38 18.47
N ASP A 212 5.86 -37.28 17.55
CA ASP A 212 5.87 -38.71 17.81
C ASP A 212 7.26 -39.32 17.62
N GLU A 213 8.08 -38.77 16.70
CA GLU A 213 9.36 -39.39 16.36
C GLU A 213 10.53 -38.65 17.01
N LEU A 214 10.58 -37.32 16.83
CA LEU A 214 11.66 -36.52 17.39
C LEU A 214 11.37 -36.15 18.84
N GLY A 215 10.10 -36.26 19.25
CA GLY A 215 9.72 -36.06 20.64
C GLY A 215 9.90 -34.62 21.10
N LEU A 216 9.61 -33.66 20.21
CA LEU A 216 9.66 -32.25 20.56
C LEU A 216 8.40 -31.90 21.35
N PRO A 217 8.47 -30.90 22.27
CA PRO A 217 7.31 -30.52 23.10
C PRO A 217 6.03 -30.25 22.31
N ALA A 218 4.92 -30.86 22.74
CA ALA A 218 3.62 -30.61 22.15
C ALA A 218 2.93 -29.45 22.89
N SER A 229 -0.62 -29.79 16.04
CA SER A 229 -0.19 -28.44 16.47
C SER A 229 0.94 -27.94 15.55
N THR A 230 0.62 -27.75 14.26
CA THR A 230 1.66 -27.60 13.24
C THR A 230 1.49 -26.30 12.44
N SER A 231 0.86 -25.29 13.04
CA SER A 231 0.69 -23.98 12.42
C SER A 231 2.02 -23.23 12.37
N ALA A 232 2.07 -22.14 11.60
CA ALA A 232 3.24 -21.27 11.51
C ALA A 232 3.54 -20.69 12.89
N ALA A 233 2.48 -20.44 13.68
CA ALA A 233 2.59 -19.98 15.05
C ALA A 233 3.31 -21.05 15.89
N ALA A 234 2.79 -22.29 15.81
CA ALA A 234 3.31 -23.40 16.58
C ALA A 234 4.81 -23.61 16.33
N LEU A 235 5.22 -23.66 15.05
CA LEU A 235 6.60 -23.98 14.69
C LEU A 235 7.57 -22.87 15.08
N GLU A 236 7.08 -21.63 15.16
CA GLU A 236 7.91 -20.50 15.58
C GLU A 236 8.50 -20.75 16.97
N ALA A 237 7.66 -21.23 17.90
CA ALA A 237 8.08 -21.57 19.26
C ALA A 237 9.24 -22.56 19.24
N LEU A 238 9.12 -23.58 18.37
CA LEU A 238 10.02 -24.71 18.34
C LEU A 238 11.26 -24.41 17.51
N ARG A 239 11.31 -23.22 16.87
CA ARG A 239 12.33 -22.90 15.89
C ARG A 239 13.73 -23.28 16.39
N GLU A 240 14.00 -23.01 17.68
CA GLU A 240 15.31 -23.26 18.26
C GLU A 240 15.35 -24.63 18.96
N ALA A 241 14.19 -25.26 19.13
CA ALA A 241 14.07 -26.52 19.88
C ALA A 241 14.78 -27.66 19.16
N HIS A 242 14.72 -27.68 17.82
CA HIS A 242 15.42 -28.68 17.02
C HIS A 242 15.84 -28.06 15.70
N PRO A 243 17.05 -28.39 15.17
CA PRO A 243 17.49 -27.90 13.86
C PRO A 243 16.56 -28.18 12.68
N ILE A 244 15.65 -29.15 12.82
CA ILE A 244 14.74 -29.50 11.73
C ILE A 244 13.66 -28.44 11.60
N VAL A 245 13.29 -27.78 12.71
CA VAL A 245 12.18 -26.84 12.68
C VAL A 245 12.61 -25.59 11.92
N GLU A 246 13.87 -25.17 12.09
CA GLU A 246 14.45 -24.05 11.38
C GLU A 246 14.37 -24.29 9.87
N LYS A 247 14.78 -25.50 9.45
CA LYS A 247 14.80 -25.90 8.05
C LYS A 247 13.39 -25.94 7.47
N ILE A 248 12.42 -26.42 8.26
CA ILE A 248 11.03 -26.48 7.81
C ILE A 248 10.50 -25.07 7.59
N LEU A 249 10.88 -24.14 8.49
CA LEU A 249 10.44 -22.76 8.41
C LEU A 249 11.00 -22.11 7.15
N GLN A 250 12.29 -22.35 6.86
CA GLN A 250 12.89 -21.80 5.66
C GLN A 250 12.21 -22.37 4.42
N TYR A 251 11.97 -23.69 4.43
CA TYR A 251 11.30 -24.39 3.33
C TYR A 251 9.93 -23.75 3.06
N ARG A 252 9.18 -23.47 4.13
CA ARG A 252 7.85 -22.88 4.00
C ARG A 252 7.95 -21.46 3.47
N GLU A 253 8.92 -20.70 3.98
CA GLU A 253 9.19 -19.34 3.55
C GLU A 253 9.44 -19.29 2.04
N LEU A 254 10.44 -20.07 1.56
CA LEU A 254 10.82 -20.05 0.17
C LEU A 254 9.66 -20.56 -0.71
N THR A 255 8.97 -21.62 -0.24
CA THR A 255 7.86 -22.18 -0.99
C THR A 255 6.78 -21.11 -1.20
N LYS A 256 6.53 -20.31 -0.16
CA LYS A 256 5.52 -19.27 -0.23
C LYS A 256 5.95 -18.17 -1.21
N LEU A 257 7.20 -17.71 -1.13
CA LEU A 257 7.68 -16.68 -2.04
C LEU A 257 7.59 -17.17 -3.49
N LYS A 258 8.03 -18.41 -3.75
CA LYS A 258 7.98 -19.00 -5.07
C LYS A 258 6.54 -19.07 -5.58
N SER A 259 5.61 -19.51 -4.73
CA SER A 259 4.25 -19.76 -5.16
C SER A 259 3.42 -18.48 -5.16
N THR A 260 3.90 -17.41 -4.52
CA THR A 260 3.15 -16.16 -4.42
C THR A 260 3.71 -15.11 -5.38
N TYR A 261 5.04 -14.97 -5.43
CA TYR A 261 5.64 -13.82 -6.10
C TYR A 261 6.48 -14.20 -7.30
N ILE A 262 6.57 -15.51 -7.64
CA ILE A 262 7.41 -15.87 -8.77
C ILE A 262 6.57 -16.64 -9.79
N ASP A 263 6.05 -17.80 -9.40
CA ASP A 263 5.38 -18.70 -10.32
C ASP A 263 4.10 -18.11 -10.91
N PRO A 264 3.26 -17.37 -10.16
CA PRO A 264 2.02 -16.81 -10.71
C PRO A 264 2.18 -15.68 -11.73
N LEU A 265 3.33 -15.00 -11.75
CA LEU A 265 3.45 -13.73 -12.45
C LEU A 265 3.35 -13.93 -13.97
N PRO A 266 4.00 -14.95 -14.57
CA PRO A 266 3.89 -15.15 -16.02
C PRO A 266 2.45 -15.37 -16.48
N ASP A 267 1.64 -16.06 -15.67
CA ASP A 267 0.24 -16.30 -16.01
C ASP A 267 -0.61 -15.05 -15.82
N LEU A 268 -0.08 -14.00 -15.19
CA LEU A 268 -0.80 -12.74 -15.04
C LEU A 268 -0.46 -11.74 -16.15
N ILE A 269 0.39 -12.15 -17.12
CA ILE A 269 0.59 -11.38 -18.33
C ILE A 269 -0.64 -11.53 -19.21
N HIS A 270 -1.27 -10.41 -19.52
CA HIS A 270 -2.50 -10.41 -20.28
C HIS A 270 -2.19 -10.72 -21.74
N PRO A 271 -2.92 -11.67 -22.38
CA PRO A 271 -2.67 -12.04 -23.77
C PRO A 271 -2.84 -10.89 -24.77
N ARG A 272 -3.75 -9.96 -24.49
CA ARG A 272 -4.00 -8.82 -25.37
C ARG A 272 -2.97 -7.70 -25.20
N THR A 273 -2.40 -7.49 -24.00
CA THR A 273 -1.49 -6.36 -23.79
C THR A 273 -0.03 -6.80 -23.75
N GLY A 274 0.24 -8.04 -23.37
CA GLY A 274 1.60 -8.48 -23.13
C GLY A 274 2.21 -7.92 -21.85
N ARG A 275 1.34 -7.43 -20.94
CA ARG A 275 1.79 -6.81 -19.69
C ARG A 275 0.99 -7.37 -18.50
N LEU A 276 1.59 -7.23 -17.33
CA LEU A 276 0.98 -7.52 -16.05
C LEU A 276 0.19 -6.31 -15.55
N HIS A 277 -1.07 -6.52 -15.15
CA HIS A 277 -1.96 -5.45 -14.69
C HIS A 277 -2.20 -5.57 -13.19
N THR A 278 -1.25 -5.01 -12.41
CA THR A 278 -1.40 -4.89 -10.96
C THR A 278 -2.68 -4.10 -10.67
N ARG A 279 -3.44 -4.56 -9.67
CA ARG A 279 -4.71 -3.94 -9.33
C ARG A 279 -4.49 -3.04 -8.12
N PHE A 280 -4.80 -1.75 -8.28
CA PHE A 280 -4.60 -0.75 -7.25
C PHE A 280 -5.93 -0.35 -6.62
N ASN A 281 -5.93 -0.16 -5.31
CA ASN A 281 -7.15 0.13 -4.57
C ASN A 281 -6.85 1.29 -3.63
N GLN A 282 -7.73 2.31 -3.59
CA GLN A 282 -7.45 3.48 -2.76
C GLN A 282 -8.36 3.53 -1.53
N THR A 283 -9.20 2.51 -1.33
CA THR A 283 -10.06 2.48 -0.15
C THR A 283 -9.94 1.12 0.55
N ALA A 284 -8.70 0.64 0.76
CA ALA A 284 -8.48 -0.72 1.23
C ALA A 284 -7.78 -0.78 2.59
N THR A 285 -7.04 0.27 3.00
CA THR A 285 -6.10 0.12 4.09
C THR A 285 -6.49 0.97 5.29
N ALA A 286 -5.92 0.64 6.45
CA ALA A 286 -6.19 1.35 7.69
C ALA A 286 -5.63 2.77 7.66
N THR A 287 -4.49 2.95 6.99
CA THR A 287 -3.76 4.22 7.06
C THR A 287 -4.03 5.13 5.87
N GLY A 288 -4.58 4.57 4.78
CA GLY A 288 -4.80 5.33 3.56
C GLY A 288 -3.73 5.10 2.50
N ARG A 289 -2.69 4.31 2.81
CA ARG A 289 -1.75 3.95 1.76
C ARG A 289 -2.51 3.20 0.67
N LEU A 290 -2.06 3.35 -0.58
CA LEU A 290 -2.59 2.56 -1.68
C LEU A 290 -2.23 1.09 -1.46
N SER A 291 -3.14 0.20 -1.83
CA SER A 291 -2.79 -1.21 -1.79
C SER A 291 -2.78 -1.76 -3.21
N SER A 292 -1.96 -2.80 -3.44
CA SER A 292 -1.90 -3.51 -4.71
C SER A 292 -2.28 -4.99 -4.54
N SER A 293 -2.77 -5.60 -5.63
CA SER A 293 -3.12 -7.02 -5.67
C SER A 293 -2.67 -7.63 -7.00
N ASP A 294 -2.21 -8.89 -6.95
CA ASP A 294 -1.91 -9.67 -8.14
C ASP A 294 -0.82 -8.99 -8.98
N PRO A 295 0.39 -8.70 -8.45
CA PRO A 295 0.78 -9.02 -7.08
C PRO A 295 0.55 -7.92 -6.05
N ASN A 296 0.56 -8.33 -4.78
CA ASN A 296 0.69 -7.40 -3.68
C ASN A 296 2.15 -6.97 -3.59
N LEU A 297 2.44 -5.78 -4.11
CA LEU A 297 3.80 -5.28 -4.20
C LEU A 297 4.39 -5.06 -2.80
N GLN A 298 3.52 -4.73 -1.83
CA GLN A 298 3.95 -4.42 -0.48
C GLN A 298 4.61 -5.62 0.20
N SER A 299 4.27 -6.84 -0.26
CA SER A 299 4.71 -8.06 0.40
C SER A 299 5.92 -8.67 -0.31
N ILE A 300 6.39 -8.08 -1.43
CA ILE A 300 7.67 -8.51 -2.01
C ILE A 300 8.79 -8.15 -1.02
N PRO A 301 9.62 -9.12 -0.59
CA PRO A 301 10.72 -8.81 0.33
C PRO A 301 11.59 -7.65 -0.15
N VAL A 302 12.00 -6.81 0.81
CA VAL A 302 12.73 -5.59 0.56
C VAL A 302 14.23 -5.85 0.71
N ARG A 303 14.63 -6.48 1.82
CA ARG A 303 16.02 -6.53 2.22
C ARG A 303 16.70 -7.73 1.57
N THR A 304 16.02 -8.87 1.52
CA THR A 304 16.64 -10.13 1.14
C THR A 304 17.09 -10.09 -0.31
N PRO A 305 18.15 -10.84 -0.68
CA PRO A 305 18.56 -11.01 -2.07
C PRO A 305 17.44 -11.50 -2.99
N LEU A 306 16.61 -12.44 -2.52
CA LEU A 306 15.54 -12.97 -3.33
C LEU A 306 14.52 -11.88 -3.66
N GLY A 307 14.18 -11.05 -2.66
CA GLY A 307 13.21 -9.98 -2.84
C GLY A 307 13.67 -8.97 -3.88
N GLN A 308 14.94 -8.56 -3.78
CA GLN A 308 15.49 -7.65 -4.75
CA GLN A 308 15.54 -7.67 -4.75
C GLN A 308 15.41 -8.28 -6.15
N ARG A 309 15.65 -9.60 -6.26
CA ARG A 309 15.71 -10.26 -7.55
C ARG A 309 14.33 -10.25 -8.23
N ILE A 310 13.24 -10.33 -7.46
CA ILE A 310 11.91 -10.32 -8.06
C ILE A 310 11.67 -9.01 -8.83
N ARG A 311 12.21 -7.90 -8.34
CA ARG A 311 12.00 -6.61 -8.96
C ARG A 311 12.75 -6.51 -10.29
N ARG A 312 13.80 -7.31 -10.47
CA ARG A 312 14.52 -7.34 -11.74
C ARG A 312 13.65 -7.94 -12.84
N ALA A 313 12.58 -8.64 -12.48
CA ALA A 313 11.67 -9.19 -13.48
C ALA A 313 10.77 -8.12 -14.10
N PHE A 314 10.66 -6.94 -13.48
CA PHE A 314 9.81 -5.86 -13.95
C PHE A 314 10.64 -4.94 -14.85
N ILE A 315 10.31 -4.88 -16.15
CA ILE A 315 11.18 -4.27 -17.13
C ILE A 315 10.38 -3.26 -17.95
N ALA A 316 11.11 -2.42 -18.72
CA ALA A 316 10.51 -1.41 -19.55
C ALA A 316 10.21 -1.98 -20.94
N GLU A 317 9.19 -1.42 -21.59
CA GLU A 317 8.95 -1.67 -23.01
C GLU A 317 10.25 -1.36 -23.77
N GLU A 318 10.48 -2.08 -24.88
CA GLU A 318 11.62 -1.84 -25.74
C GLU A 318 11.61 -0.37 -26.19
N GLY A 319 12.76 0.31 -26.01
CA GLY A 319 12.90 1.71 -26.34
C GLY A 319 12.50 2.65 -25.20
N TRP A 320 12.07 2.08 -24.06
CA TRP A 320 11.67 2.85 -22.88
C TRP A 320 12.59 2.50 -21.72
N LEU A 321 12.48 3.27 -20.63
CA LEU A 321 13.22 3.04 -19.41
C LEU A 321 12.28 3.24 -18.22
N LEU A 322 12.55 2.53 -17.13
CA LEU A 322 11.82 2.74 -15.89
C LEU A 322 12.52 3.84 -15.11
N VAL A 323 11.72 4.61 -14.35
CA VAL A 323 12.23 5.62 -13.44
C VAL A 323 11.67 5.34 -12.05
N ALA A 324 12.57 5.11 -11.09
CA ALA A 324 12.16 4.79 -9.73
C ALA A 324 12.47 5.99 -8.85
N LEU A 325 11.43 6.53 -8.21
CA LEU A 325 11.57 7.65 -7.30
C LEU A 325 11.12 7.22 -5.93
N ASP A 326 11.82 7.67 -4.88
CA ASP A 326 11.38 7.37 -3.53
C ASP A 326 11.70 8.52 -2.60
N TYR A 327 10.78 8.78 -1.66
CA TYR A 327 11.01 9.76 -0.60
C TYR A 327 11.97 9.20 0.43
N SER A 328 13.02 9.98 0.73
CA SER A 328 13.99 9.64 1.74
C SER A 328 13.46 9.98 3.13
N GLN A 329 13.50 9.00 4.04
CA GLN A 329 13.07 9.14 5.41
C GLN A 329 11.71 9.86 5.49
N GLU A 330 10.72 9.41 4.71
CA GLU A 330 9.47 10.14 4.56
C GLU A 330 8.80 10.30 5.93
N GLY A 331 8.64 9.18 6.65
CA GLY A 331 7.98 9.15 7.95
C GLY A 331 8.66 10.06 8.97
N LEU A 332 9.99 10.05 9.02
CA LEU A 332 10.69 10.82 10.03
C LEU A 332 10.58 12.32 9.71
N ARG A 333 10.52 12.68 8.43
CA ARG A 333 10.36 14.07 8.08
C ARG A 333 8.98 14.54 8.50
N VAL A 334 7.97 13.68 8.30
CA VAL A 334 6.61 14.01 8.70
C VAL A 334 6.56 14.17 10.22
N LEU A 335 7.23 13.26 10.96
CA LEU A 335 7.28 13.35 12.40
C LEU A 335 7.96 14.65 12.86
N ALA A 336 9.01 15.07 12.16
CA ALA A 336 9.66 16.33 12.52
C ALA A 336 8.67 17.47 12.39
N HIS A 337 7.92 17.48 11.29
CA HIS A 337 6.91 18.50 11.03
C HIS A 337 5.80 18.47 12.08
N LEU A 338 5.24 17.29 12.35
CA LEU A 338 4.09 17.18 13.24
C LEU A 338 4.51 17.49 14.68
N SER A 339 5.70 17.04 15.09
CA SER A 339 6.16 17.22 16.46
C SER A 339 6.66 18.64 16.71
N GLY A 340 7.17 19.29 15.67
CA GLY A 340 7.81 20.60 15.80
C GLY A 340 9.14 20.54 16.55
N ASP A 341 9.75 19.36 16.64
CA ASP A 341 10.99 19.26 17.40
C ASP A 341 12.10 20.04 16.70
N GLU A 342 12.67 21.03 17.39
CA GLU A 342 13.61 21.97 16.80
C GLU A 342 14.88 21.27 16.37
N ASN A 343 15.37 20.33 17.19
CA ASN A 343 16.62 19.64 16.89
C ASN A 343 16.43 18.72 15.68
N LEU A 344 15.30 18.03 15.60
CA LEU A 344 15.08 17.11 14.51
C LEU A 344 14.91 17.89 13.22
N ILE A 345 14.13 18.99 13.27
CA ILE A 345 13.96 19.86 12.11
C ILE A 345 15.33 20.35 11.65
N ARG A 346 16.19 20.77 12.58
CA ARG A 346 17.47 21.36 12.21
C ARG A 346 18.34 20.35 11.48
N VAL A 347 18.35 19.09 11.92
CA VAL A 347 19.06 18.03 11.22
C VAL A 347 18.66 18.00 9.75
N PHE A 348 17.35 17.94 9.48
CA PHE A 348 16.86 17.88 8.12
C PHE A 348 17.14 19.18 7.34
N GLN A 349 16.96 20.34 7.97
CA GLN A 349 17.15 21.63 7.32
CA GLN A 349 17.13 21.60 7.27
C GLN A 349 18.59 21.79 6.85
N GLU A 350 19.54 21.33 7.68
CA GLU A 350 20.96 21.52 7.40
C GLU A 350 21.49 20.47 6.42
N GLY A 351 20.71 19.40 6.19
CA GLY A 351 20.90 18.53 5.05
C GLY A 351 22.01 17.48 5.22
N ARG A 352 22.48 17.25 6.45
CA ARG A 352 23.52 16.26 6.71
CA ARG A 352 23.52 16.25 6.71
C ARG A 352 22.86 14.89 6.93
N ASP A 353 23.67 13.82 6.82
CA ASP A 353 23.21 12.44 6.96
C ASP A 353 22.40 12.32 8.24
N ILE A 354 21.11 12.02 8.09
CA ILE A 354 20.14 12.04 9.18
C ILE A 354 20.55 11.11 10.32
N HIS A 355 21.02 9.89 10.01
CA HIS A 355 21.27 8.88 11.02
C HIS A 355 22.58 9.18 11.75
N THR A 356 23.57 9.69 11.00
CA THR A 356 24.83 10.11 11.58
C THR A 356 24.61 11.31 12.49
N GLU A 357 23.83 12.26 12.01
CA GLU A 357 23.59 13.49 12.76
C GLU A 357 22.79 13.15 14.01
N THR A 358 21.87 12.19 13.89
CA THR A 358 21.09 11.70 15.02
C THR A 358 22.02 11.06 16.05
N ALA A 359 22.95 10.22 15.59
CA ALA A 359 23.90 9.59 16.50
C ALA A 359 24.76 10.65 17.22
N SER A 360 25.19 11.67 16.48
CA SER A 360 25.94 12.79 17.05
C SER A 360 25.18 13.44 18.20
N TRP A 361 23.92 13.81 17.94
CA TRP A 361 23.04 14.36 18.96
C TRP A 361 22.91 13.39 20.13
N MET A 362 22.63 12.12 19.81
CA MET A 362 22.31 11.11 20.81
C MET A 362 23.45 10.93 21.80
N PHE A 363 24.65 10.69 21.24
CA PHE A 363 25.78 10.22 22.02
C PHE A 363 26.63 11.37 22.52
N GLY A 364 26.24 12.61 22.19
CA GLY A 364 26.99 13.79 22.61
C GLY A 364 28.44 13.75 22.12
N VAL A 365 28.65 13.26 20.89
CA VAL A 365 29.97 13.24 20.26
C VAL A 365 29.87 14.10 19.01
N PRO A 366 30.99 14.68 18.52
CA PRO A 366 30.99 15.34 17.22
C PRO A 366 30.71 14.33 16.12
N ARG A 367 30.16 14.81 15.00
CA ARG A 367 29.76 13.94 13.92
C ARG A 367 30.97 13.14 13.38
N GLU A 368 32.17 13.72 13.49
CA GLU A 368 33.39 13.11 12.99
C GLU A 368 33.78 11.91 13.85
N ALA A 369 33.25 11.81 15.08
CA ALA A 369 33.53 10.69 15.97
C ALA A 369 32.42 9.65 15.92
N VAL A 370 31.44 9.81 15.01
CA VAL A 370 30.37 8.84 14.90
C VAL A 370 30.89 7.64 14.12
N ASN A 371 30.83 6.49 14.81
CA ASN A 371 31.30 5.20 14.33
C ASN A 371 30.11 4.43 13.76
N PRO A 372 30.33 3.38 12.94
CA PRO A 372 29.23 2.56 12.41
C PRO A 372 28.21 2.08 13.44
N LEU A 373 28.68 1.64 14.61
CA LEU A 373 27.81 1.09 15.62
C LEU A 373 26.85 2.17 16.10
N MET A 374 27.36 3.40 16.29
CA MET A 374 26.54 4.50 16.74
C MET A 374 25.50 4.80 15.68
N ARG A 375 25.90 4.82 14.39
CA ARG A 375 25.00 5.18 13.32
C ARG A 375 23.89 4.14 13.20
N ARG A 376 24.26 2.85 13.32
CA ARG A 376 23.30 1.75 13.23
C ARG A 376 22.23 1.89 14.32
N ALA A 377 22.65 2.23 15.54
CA ALA A 377 21.73 2.40 16.66
C ALA A 377 20.76 3.54 16.38
N ALA A 378 21.29 4.68 15.96
CA ALA A 378 20.49 5.85 15.64
C ALA A 378 19.46 5.51 14.56
N LYS A 379 19.90 4.79 13.52
CA LYS A 379 19.04 4.46 12.40
C LYS A 379 17.91 3.54 12.85
N THR A 380 18.21 2.58 13.72
CA THR A 380 17.18 1.65 14.21
C THR A 380 16.09 2.38 14.99
N ILE A 381 16.46 3.35 15.84
CA ILE A 381 15.51 4.14 16.60
C ILE A 381 14.73 5.10 15.69
N ASN A 382 15.43 5.74 14.75
CA ASN A 382 14.80 6.62 13.78
C ASN A 382 13.65 5.92 13.02
N PHE A 383 13.74 4.60 12.84
CA PHE A 383 12.68 3.85 12.19
C PHE A 383 11.69 3.32 13.23
N GLY A 384 12.22 2.80 14.34
CA GLY A 384 11.38 2.21 15.37
C GLY A 384 10.48 3.22 16.08
N VAL A 385 10.91 4.49 16.12
CA VAL A 385 10.20 5.51 16.85
C VAL A 385 8.83 5.77 16.20
N LEU A 386 8.76 5.59 14.88
CA LEU A 386 7.53 5.79 14.11
C LEU A 386 6.46 4.78 14.48
N TYR A 387 6.87 3.58 14.93
CA TYR A 387 5.98 2.43 15.11
C TYR A 387 5.77 2.11 16.58
N GLY A 388 6.46 2.82 17.48
CA GLY A 388 6.40 2.54 18.90
C GLY A 388 7.21 1.30 19.30
N MET A 389 8.34 1.07 18.61
CA MET A 389 9.26 -0.01 18.95
C MET A 389 9.56 0.05 20.45
N SER A 390 9.49 -1.09 21.12
CA SER A 390 9.78 -1.18 22.55
C SER A 390 11.29 -1.27 22.78
N ALA A 391 11.71 -0.93 24.00
CA ALA A 391 13.09 -1.11 24.40
C ALA A 391 13.48 -2.58 24.30
N HIS A 392 12.53 -3.50 24.57
CA HIS A 392 12.80 -4.92 24.44
C HIS A 392 13.10 -5.30 22.99
N ARG A 393 12.26 -4.85 22.06
CA ARG A 393 12.49 -5.13 20.64
C ARG A 393 13.82 -4.48 20.21
N LEU A 394 14.08 -3.25 20.65
CA LEU A 394 15.33 -2.56 20.31
C LEU A 394 16.54 -3.40 20.77
N SER A 395 16.48 -3.89 22.02
CA SER A 395 17.59 -4.65 22.59
C SER A 395 17.83 -5.90 21.76
N GLN A 396 16.76 -6.53 21.29
CA GLN A 396 16.87 -7.74 20.48
C GLN A 396 17.51 -7.40 19.13
N LYS A 397 17.04 -6.34 18.49
CA LYS A 397 17.48 -6.00 17.14
C LYS A 397 18.95 -5.56 17.13
N LEU A 398 19.40 -4.88 18.19
CA LEU A 398 20.78 -4.43 18.28
C LEU A 398 21.66 -5.45 19.01
N ALA A 399 21.04 -6.47 19.62
CA ALA A 399 21.76 -7.50 20.37
C ALA A 399 22.59 -6.85 21.47
N ILE A 400 21.92 -6.02 22.29
CA ILE A 400 22.52 -5.37 23.43
C ILE A 400 21.63 -5.64 24.64
N PRO A 401 22.15 -5.49 25.88
CA PRO A 401 21.31 -5.59 27.09
C PRO A 401 20.12 -4.65 27.06
N TYR A 402 19.04 -5.09 27.71
CA TYR A 402 17.80 -4.33 27.80
C TYR A 402 18.06 -2.94 28.36
N GLU A 403 18.90 -2.89 29.40
CA GLU A 403 19.21 -1.67 30.12
C GLU A 403 19.84 -0.65 29.17
N GLU A 404 20.72 -1.13 28.27
CA GLU A 404 21.41 -0.28 27.32
C GLU A 404 20.44 0.22 26.24
N ALA A 405 19.50 -0.64 25.80
CA ALA A 405 18.43 -0.23 24.91
C ALA A 405 17.64 0.93 25.53
N GLN A 406 17.24 0.77 26.79
CA GLN A 406 16.54 1.82 27.52
C GLN A 406 17.36 3.11 27.56
N ALA A 407 18.67 3.00 27.79
CA ALA A 407 19.53 4.17 27.87
C ALA A 407 19.54 4.93 26.54
N PHE A 408 19.66 4.18 25.42
CA PHE A 408 19.65 4.74 24.08
C PHE A 408 18.34 5.49 23.82
N ILE A 409 17.22 4.90 24.23
CA ILE A 409 15.91 5.53 24.03
C ILE A 409 15.85 6.84 24.83
N GLU A 410 16.38 6.87 26.05
CA GLU A 410 16.44 8.10 26.82
C GLU A 410 17.32 9.15 26.15
N ARG A 411 18.51 8.75 25.66
CA ARG A 411 19.37 9.68 24.94
C ARG A 411 18.62 10.28 23.75
N TYR A 412 17.86 9.44 23.03
CA TYR A 412 17.12 9.90 21.87
C TYR A 412 16.12 10.99 22.25
N PHE A 413 15.31 10.74 23.30
CA PHE A 413 14.25 11.67 23.67
C PHE A 413 14.81 12.88 24.42
N GLN A 414 16.03 12.76 24.95
CA GLN A 414 16.74 13.93 25.49
C GLN A 414 17.12 14.88 24.36
N SER A 415 17.55 14.32 23.21
CA SER A 415 17.94 15.09 22.04
C SER A 415 16.72 15.68 21.34
N PHE A 416 15.63 14.92 21.30
CA PHE A 416 14.45 15.25 20.52
C PHE A 416 13.23 15.23 21.43
N PRO A 417 13.15 16.13 22.44
CA PRO A 417 12.09 16.06 23.46
C PRO A 417 10.67 16.27 22.96
N LYS A 418 10.49 17.04 21.90
CA LYS A 418 9.15 17.32 21.41
C LYS A 418 8.59 16.10 20.66
N VAL A 419 9.45 15.16 20.26
CA VAL A 419 8.95 13.92 19.69
C VAL A 419 8.21 13.13 20.77
N ARG A 420 8.85 12.96 21.94
CA ARG A 420 8.18 12.31 23.06
C ARG A 420 6.89 13.03 23.42
N ALA A 421 6.91 14.37 23.50
CA ALA A 421 5.73 15.15 23.83
C ALA A 421 4.63 14.95 22.81
N TRP A 422 5.00 14.89 21.53
CA TRP A 422 4.04 14.69 20.45
C TRP A 422 3.35 13.33 20.59
N ILE A 423 4.13 12.29 20.87
CA ILE A 423 3.58 10.95 21.06
C ILE A 423 2.53 10.99 22.17
N GLU A 424 2.91 11.57 23.32
CA GLU A 424 2.02 11.60 24.47
C GLU A 424 0.74 12.37 24.14
N LYS A 425 0.89 13.53 23.50
CA LYS A 425 -0.25 14.39 23.19
C LYS A 425 -1.20 13.72 22.20
N THR A 426 -0.66 12.99 21.21
CA THR A 426 -1.46 12.34 20.17
C THR A 426 -2.38 11.29 20.80
N LEU A 427 -1.83 10.48 21.72
CA LEU A 427 -2.58 9.46 22.42
C LEU A 427 -3.61 10.09 23.36
N GLU A 428 -3.25 11.24 23.96
CA GLU A 428 -4.14 11.95 24.86
C GLU A 428 -5.33 12.53 24.08
N GLU A 429 -5.05 13.14 22.93
CA GLU A 429 -6.10 13.70 22.10
C GLU A 429 -6.96 12.56 21.54
N GLY A 430 -6.31 11.43 21.23
CA GLY A 430 -6.96 10.24 20.72
C GLY A 430 -7.96 9.63 21.71
N ARG A 431 -7.58 9.61 22.99
CA ARG A 431 -8.45 9.14 24.05
C ARG A 431 -9.63 10.10 24.21
N ARG A 432 -9.35 11.41 24.23
CA ARG A 432 -10.38 12.41 24.43
C ARG A 432 -11.39 12.35 23.28
N ARG A 433 -10.90 12.25 22.04
CA ARG A 433 -11.72 12.51 20.86
C ARG A 433 -12.24 11.23 20.21
N GLY A 434 -11.54 10.11 20.42
CA GLY A 434 -11.92 8.84 19.83
C GLY A 434 -11.28 8.61 18.45
N TYR A 435 -10.52 9.60 17.94
CA TYR A 435 -9.86 9.47 16.64
C TYR A 435 -8.52 10.21 16.65
N VAL A 436 -7.68 9.85 15.67
CA VAL A 436 -6.46 10.58 15.31
C VAL A 436 -6.59 10.99 13.84
N GLU A 437 -5.74 11.94 13.41
CA GLU A 437 -5.87 12.64 12.14
C GLU A 437 -4.53 12.75 11.42
N THR A 438 -4.56 12.72 10.08
CA THR A 438 -3.42 13.10 9.27
C THR A 438 -3.33 14.62 9.18
N LEU A 439 -2.20 15.11 8.63
CA LEU A 439 -1.99 16.53 8.40
C LEU A 439 -3.12 17.15 7.58
N PHE A 440 -3.70 16.40 6.62
CA PHE A 440 -4.75 16.93 5.75
C PHE A 440 -6.15 16.69 6.33
N GLY A 441 -6.24 16.10 7.53
CA GLY A 441 -7.49 15.99 8.27
C GLY A 441 -8.24 14.68 8.06
N ARG A 442 -7.60 13.67 7.46
CA ARG A 442 -8.20 12.34 7.39
C ARG A 442 -8.20 11.74 8.78
N ARG A 443 -9.37 11.26 9.24
CA ARG A 443 -9.56 10.76 10.59
C ARG A 443 -9.59 9.25 10.58
N ARG A 444 -9.04 8.68 11.65
CA ARG A 444 -9.13 7.26 11.89
C ARG A 444 -9.59 7.07 13.34
N TYR A 445 -10.67 6.30 13.50
CA TYR A 445 -11.24 6.05 14.82
C TYR A 445 -10.40 5.00 15.54
N VAL A 446 -10.10 5.29 16.82
CA VAL A 446 -9.17 4.50 17.59
C VAL A 446 -9.80 4.19 18.94
N PRO A 447 -10.94 3.44 18.97
CA PRO A 447 -11.68 3.22 20.22
C PRO A 447 -10.92 2.39 21.24
N ASP A 448 -9.91 1.63 20.80
CA ASP A 448 -9.24 0.68 21.67
C ASP A 448 -8.19 1.35 22.57
N LEU A 449 -7.98 2.67 22.42
CA LEU A 449 -7.09 3.40 23.32
C LEU A 449 -7.62 3.36 24.75
N GLU A 450 -8.92 3.09 24.91
CA GLU A 450 -9.56 3.04 26.23
C GLU A 450 -9.99 1.61 26.56
N ALA A 451 -9.34 0.62 25.92
CA ALA A 451 -9.63 -0.79 26.19
C ALA A 451 -8.94 -1.21 27.50
N ARG A 452 -9.64 -2.03 28.29
CA ARG A 452 -9.19 -2.44 29.62
C ARG A 452 -7.94 -3.31 29.51
N VAL A 453 -8.02 -4.36 28.67
CA VAL A 453 -6.92 -5.30 28.48
C VAL A 453 -5.68 -4.51 28.03
N LYS A 454 -4.59 -4.60 28.82
CA LYS A 454 -3.40 -3.81 28.60
C LYS A 454 -2.77 -4.15 27.24
N SER A 455 -2.72 -5.45 26.93
CA SER A 455 -2.23 -5.95 25.66
C SER A 455 -2.82 -5.18 24.49
N VAL A 456 -4.16 -5.15 24.40
CA VAL A 456 -4.85 -4.65 23.21
C VAL A 456 -4.76 -3.12 23.15
N ARG A 457 -4.58 -2.48 24.32
CA ARG A 457 -4.57 -1.03 24.42
C ARG A 457 -3.26 -0.46 23.88
N GLN A 458 -2.17 -1.22 24.09
CA GLN A 458 -0.86 -0.79 23.67
C GLN A 458 -0.73 -1.00 22.15
N ALA A 459 -1.26 -2.12 21.65
CA ALA A 459 -1.34 -2.34 20.22
C ALA A 459 -2.15 -1.23 19.54
N ALA A 460 -3.16 -0.70 20.24
CA ALA A 460 -3.99 0.37 19.71
C ALA A 460 -3.21 1.69 19.71
N GLU A 461 -2.47 1.94 20.79
CA GLU A 461 -1.65 3.14 20.93
C GLU A 461 -0.62 3.22 19.79
N ARG A 462 0.00 2.09 19.46
CA ARG A 462 1.03 2.10 18.43
C ARG A 462 0.40 2.45 17.08
N ARG A 463 -0.79 1.91 16.81
CA ARG A 463 -1.49 2.13 15.54
CA ARG A 463 -1.45 2.13 15.53
C ARG A 463 -1.99 3.56 15.47
N ALA A 464 -2.33 4.13 16.63
CA ALA A 464 -2.85 5.48 16.74
C ALA A 464 -1.80 6.55 16.42
N PHE A 465 -0.62 6.48 17.04
CA PHE A 465 0.32 7.59 16.86
C PHE A 465 1.09 7.38 15.55
N ASN A 466 0.99 6.18 14.98
CA ASN A 466 1.53 5.92 13.65
C ASN A 466 0.64 6.50 12.54
N MET A 467 -0.68 6.58 12.75
CA MET A 467 -1.60 6.97 11.68
C MET A 467 -1.30 8.39 11.19
N PRO A 468 -1.08 9.39 12.07
CA PRO A 468 -0.65 10.72 11.62
C PRO A 468 0.62 10.67 10.77
N VAL A 469 1.56 9.76 11.08
CA VAL A 469 2.80 9.71 10.32
C VAL A 469 2.57 9.03 8.97
N GLN A 470 2.13 7.77 8.98
CA GLN A 470 2.02 7.01 7.74
C GLN A 470 0.86 7.49 6.88
N GLY A 471 -0.24 7.91 7.52
CA GLY A 471 -1.39 8.47 6.82
C GLY A 471 -1.03 9.76 6.11
N THR A 472 -0.23 10.61 6.77
CA THR A 472 0.26 11.83 6.14
C THR A 472 1.18 11.50 4.97
N ALA A 473 2.13 10.56 5.17
CA ALA A 473 3.01 10.12 4.11
C ALA A 473 2.20 9.69 2.88
N ALA A 474 1.13 8.93 3.11
CA ALA A 474 0.25 8.46 2.04
C ALA A 474 -0.43 9.64 1.31
N ASP A 475 -0.97 10.58 2.09
CA ASP A 475 -1.60 11.78 1.55
C ASP A 475 -0.62 12.52 0.64
N LEU A 476 0.64 12.66 1.07
CA LEU A 476 1.63 13.41 0.30
C LEU A 476 1.92 12.71 -1.02
N MET A 477 2.09 11.38 -0.97
CA MET A 477 2.36 10.60 -2.16
C MET A 477 1.17 10.70 -3.14
N LYS A 478 -0.05 10.61 -2.62
CA LYS A 478 -1.24 10.61 -3.48
C LYS A 478 -1.42 11.96 -4.16
N LEU A 479 -1.20 13.05 -3.42
CA LEU A 479 -1.21 14.40 -4.01
C LEU A 479 -0.12 14.54 -5.07
N ALA A 480 1.09 14.01 -4.81
CA ALA A 480 2.17 14.04 -5.77
C ALA A 480 1.79 13.35 -7.07
N MET A 481 1.17 12.17 -6.95
CA MET A 481 0.75 11.40 -8.11
C MET A 481 -0.27 12.22 -8.91
N VAL A 482 -1.20 12.88 -8.22
CA VAL A 482 -2.24 13.68 -8.86
C VAL A 482 -1.62 14.87 -9.61
N LYS A 483 -0.64 15.52 -8.98
CA LYS A 483 0.05 16.66 -9.60
C LYS A 483 0.94 16.21 -10.75
N LEU A 484 1.54 15.02 -10.66
CA LEU A 484 2.54 14.61 -11.62
C LEU A 484 1.87 14.10 -12.90
N PHE A 485 0.74 13.42 -12.73
CA PHE A 485 0.21 12.60 -13.81
C PHE A 485 0.03 13.40 -15.10
N PRO A 486 -0.69 14.56 -15.11
CA PRO A 486 -0.87 15.31 -16.36
C PRO A 486 0.42 15.82 -16.98
N ARG A 487 1.45 16.09 -16.16
CA ARG A 487 2.75 16.51 -16.66
C ARG A 487 3.40 15.31 -17.39
N LEU A 488 3.22 14.08 -16.89
CA LEU A 488 3.76 12.89 -17.52
C LEU A 488 3.07 12.63 -18.86
N GLU A 489 1.74 12.75 -18.88
CA GLU A 489 0.98 12.52 -20.10
C GLU A 489 1.45 13.47 -21.20
N GLU A 490 1.70 14.73 -20.85
CA GLU A 490 2.25 15.72 -21.77
C GLU A 490 3.56 15.25 -22.41
N MET A 491 4.40 14.55 -21.62
CA MET A 491 5.74 14.16 -22.06
C MET A 491 5.75 12.79 -22.71
N GLY A 492 4.58 12.16 -22.83
CA GLY A 492 4.47 10.84 -23.42
C GLY A 492 4.99 9.72 -22.50
N ALA A 493 5.00 9.96 -21.18
CA ALA A 493 5.44 8.98 -20.19
C ALA A 493 4.23 8.39 -19.45
N ARG A 494 4.51 7.34 -18.66
CA ARG A 494 3.49 6.54 -17.98
C ARG A 494 3.82 6.44 -16.50
N MET A 495 2.79 6.32 -15.67
CA MET A 495 2.95 6.00 -14.25
C MET A 495 2.49 4.55 -14.04
N LEU A 496 3.35 3.67 -13.51
CA LEU A 496 3.04 2.23 -13.49
C LEU A 496 2.74 1.65 -12.10
N LEU A 497 3.57 1.96 -11.09
CA LEU A 497 3.52 1.29 -9.79
C LEU A 497 3.74 2.30 -8.65
N GLN A 498 3.10 2.01 -7.52
CA GLN A 498 3.37 2.70 -6.27
C GLN A 498 3.35 1.66 -5.15
N VAL A 499 4.36 1.73 -4.28
CA VAL A 499 4.48 0.85 -3.13
C VAL A 499 5.40 1.53 -2.14
N HIS A 500 5.18 1.32 -0.83
CA HIS A 500 6.00 1.92 0.20
C HIS A 500 6.09 3.43 -0.06
N ASP A 501 7.32 3.99 -0.10
CA ASP A 501 7.67 5.39 -0.25
CA ASP A 501 7.41 5.44 -0.32
C ASP A 501 7.99 5.72 -1.72
N GLU A 502 7.63 4.84 -2.65
CA GLU A 502 8.25 4.83 -3.97
C GLU A 502 7.20 4.83 -5.09
N LEU A 503 7.60 5.38 -6.23
CA LEU A 503 6.77 5.49 -7.42
C LEU A 503 7.61 5.11 -8.63
N VAL A 504 7.04 4.29 -9.53
CA VAL A 504 7.76 3.82 -10.71
C VAL A 504 7.04 4.31 -11.97
N LEU A 505 7.81 4.99 -12.84
CA LEU A 505 7.34 5.53 -14.10
C LEU A 505 8.03 4.78 -15.24
N GLU A 506 7.46 4.93 -16.44
CA GLU A 506 8.05 4.40 -17.67
C GLU A 506 8.08 5.54 -18.68
N ALA A 507 9.27 5.77 -19.28
CA ALA A 507 9.45 6.91 -20.18
C ALA A 507 10.21 6.44 -21.42
N PRO A 508 9.91 7.01 -22.62
CA PRO A 508 10.77 6.84 -23.78
C PRO A 508 12.20 7.19 -23.39
N LYS A 509 13.13 6.39 -23.90
CA LYS A 509 14.53 6.42 -23.53
C LYS A 509 15.09 7.84 -23.60
N GLU A 510 14.76 8.58 -24.66
CA GLU A 510 15.28 9.92 -24.90
C GLU A 510 14.63 10.97 -23.99
N ARG A 511 13.53 10.62 -23.30
CA ARG A 511 12.83 11.54 -22.42
C ARG A 511 13.01 11.16 -20.94
N ALA A 512 13.72 10.05 -20.67
CA ALA A 512 13.80 9.50 -19.33
C ALA A 512 14.43 10.50 -18.37
N GLU A 513 15.48 11.21 -18.81
CA GLU A 513 16.19 12.13 -17.95
C GLU A 513 15.26 13.28 -17.53
N ALA A 514 14.54 13.84 -18.50
CA ALA A 514 13.66 14.97 -18.27
C ALA A 514 12.47 14.55 -17.39
N VAL A 515 11.99 13.31 -17.58
CA VAL A 515 10.91 12.81 -16.74
C VAL A 515 11.39 12.65 -15.29
N ALA A 516 12.57 12.07 -15.11
CA ALA A 516 13.14 11.86 -13.79
C ALA A 516 13.24 13.18 -13.04
N ARG A 517 13.78 14.20 -13.72
CA ARG A 517 14.08 15.45 -13.06
C ARG A 517 12.76 16.18 -12.74
N LEU A 518 11.78 16.13 -13.65
CA LEU A 518 10.49 16.77 -13.40
C LEU A 518 9.75 16.05 -12.27
N ALA A 519 9.76 14.71 -12.27
CA ALA A 519 9.04 13.95 -11.26
C ALA A 519 9.63 14.22 -9.88
N LYS A 520 10.96 14.30 -9.79
CA LYS A 520 11.63 14.61 -8.54
C LYS A 520 11.19 15.97 -8.00
N GLU A 521 11.11 16.97 -8.89
CA GLU A 521 10.66 18.31 -8.56
C GLU A 521 9.23 18.32 -8.04
N VAL A 522 8.32 17.65 -8.75
CA VAL A 522 6.92 17.64 -8.36
C VAL A 522 6.77 16.98 -7.00
N MET A 523 7.47 15.86 -6.79
CA MET A 523 7.32 15.10 -5.55
C MET A 523 7.91 15.87 -4.37
N GLU A 524 9.03 16.57 -4.57
CA GLU A 524 9.68 17.29 -3.48
C GLU A 524 8.92 18.56 -3.12
N GLY A 525 8.16 19.11 -4.08
CA GLY A 525 7.46 20.39 -3.89
C GLY A 525 5.96 20.25 -3.62
N VAL A 526 5.50 19.02 -3.33
CA VAL A 526 4.08 18.70 -3.30
C VAL A 526 3.37 19.50 -2.21
N TYR A 527 4.02 19.64 -1.04
CA TYR A 527 3.45 20.36 0.08
C TYR A 527 4.57 20.84 1.00
N PRO A 528 4.51 22.10 1.52
CA PRO A 528 5.61 22.61 2.31
C PRO A 528 5.54 22.13 3.76
N LEU A 529 6.61 21.48 4.22
CA LEU A 529 6.74 21.08 5.62
C LEU A 529 7.79 21.97 6.27
N ALA A 530 8.03 21.76 7.57
CA ALA A 530 9.04 22.49 8.32
C ALA A 530 10.43 22.01 7.90
N VAL A 531 10.45 20.88 7.19
CA VAL A 531 11.68 20.29 6.70
C VAL A 531 11.53 20.08 5.19
N PRO A 532 12.63 20.08 4.42
CA PRO A 532 12.55 19.75 3.01
C PRO A 532 12.16 18.29 2.82
N LEU A 533 11.39 18.01 1.75
CA LEU A 533 11.22 16.66 1.25
C LEU A 533 12.38 16.36 0.32
N GLU A 534 12.88 15.12 0.38
CA GLU A 534 13.98 14.69 -0.48
C GLU A 534 13.60 13.38 -1.17
N VAL A 535 13.81 13.36 -2.49
CA VAL A 535 13.47 12.24 -3.33
C VAL A 535 14.75 11.76 -4.03
N GLU A 536 15.01 10.46 -3.97
CA GLU A 536 16.06 9.85 -4.76
C GLU A 536 15.42 9.27 -6.02
N VAL A 537 16.17 9.30 -7.13
CA VAL A 537 15.64 8.86 -8.41
C VAL A 537 16.73 8.07 -9.13
N GLY A 538 16.31 6.97 -9.77
CA GLY A 538 17.17 6.16 -10.61
C GLY A 538 16.45 5.79 -11.90
N ILE A 539 17.26 5.53 -12.93
CA ILE A 539 16.77 5.16 -14.25
C ILE A 539 17.42 3.82 -14.62
N GLY A 540 16.62 2.90 -15.17
CA GLY A 540 17.14 1.59 -15.55
C GLY A 540 16.18 0.84 -16.46
N GLU A 541 16.65 -0.26 -17.06
CA GLU A 541 15.84 -1.09 -17.95
C GLU A 541 14.91 -1.98 -17.14
N ASP A 542 15.23 -2.17 -15.85
CA ASP A 542 14.41 -2.96 -14.94
C ASP A 542 14.31 -2.24 -13.60
N TRP A 543 13.31 -2.61 -12.82
CA TRP A 543 13.02 -1.93 -11.57
C TRP A 543 14.19 -2.05 -10.59
N LEU A 544 14.81 -3.22 -10.49
CA LEU A 544 15.90 -3.39 -9.54
C LEU A 544 17.06 -2.47 -9.92
N SER A 545 17.39 -2.39 -11.21
CA SER A 545 18.47 -1.53 -11.69
C SER A 545 18.15 -0.07 -11.40
N ALA A 546 16.90 0.34 -11.61
CA ALA A 546 16.49 1.72 -11.34
C ALA A 546 16.69 2.03 -9.85
N LYS A 547 16.35 1.08 -8.97
CA LYS A 547 16.52 1.26 -7.53
C LYS A 547 18.00 1.31 -7.14
N GLU A 548 18.82 0.48 -7.79
CA GLU A 548 20.26 0.47 -7.55
C GLU A 548 20.87 1.80 -7.96
N ALA A 549 20.43 2.36 -9.10
CA ALA A 549 20.91 3.68 -9.52
C ALA A 549 20.50 4.75 -8.51
N ALA A 550 19.26 4.69 -8.02
CA ALA A 550 18.72 5.68 -7.09
C ALA A 550 19.50 5.67 -5.77
N ALA A 551 19.93 4.47 -5.32
CA ALA A 551 20.66 4.38 -4.06
C ALA A 551 22.12 4.80 -4.21
N LEU A 552 22.61 4.96 -5.45
CA LEU A 552 24.02 5.28 -5.67
C LEU A 552 24.31 6.72 -5.23
S SO4 B . -2.47 -4.85 1.80
O1 SO4 B . -3.31 -5.69 0.99
O2 SO4 B . -1.23 -5.52 2.11
O3 SO4 B . -2.18 -3.63 1.09
O4 SO4 B . -3.17 -4.53 3.03
S SO4 C . 11.19 -12.47 -21.92
O1 SO4 C . 10.87 -12.76 -23.28
O2 SO4 C . 11.33 -13.71 -21.20
O3 SO4 C . 12.43 -11.74 -21.84
O4 SO4 C . 10.13 -11.69 -21.33
S SO4 D . -1.86 -0.36 6.93
O1 SO4 D . -2.53 -1.52 6.39
O2 SO4 D . -1.91 -0.38 8.37
O3 SO4 D . -0.48 -0.37 6.48
O4 SO4 D . -2.49 0.84 6.44
S SO4 E . -22.91 5.57 11.16
O1 SO4 E . -22.63 4.35 10.44
O2 SO4 E . -23.01 5.26 12.56
O3 SO4 E . -21.84 6.52 10.94
O4 SO4 E . -24.15 6.14 10.70
S SO4 F . 11.97 -8.46 3.97
O1 SO4 F . 11.27 -9.73 3.80
O2 SO4 F . 13.17 -8.47 3.19
O3 SO4 F . 12.29 -8.28 5.36
O4 SO4 F . 11.11 -7.40 3.53
S SO4 G . -6.99 -0.11 15.72
O1 SO4 G . -8.20 -0.71 16.24
O2 SO4 G . -5.90 -0.41 16.61
O3 SO4 G . -7.17 1.32 15.65
O4 SO4 G . -6.72 -0.64 14.40
S SO4 H . -10.22 -7.78 -4.05
O1 SO4 H . -9.59 -8.98 -4.53
O2 SO4 H . -11.62 -8.02 -3.81
O3 SO4 H . -10.07 -6.73 -5.02
O4 SO4 H . -9.58 -7.38 -2.82
S SO4 I . 9.63 -1.23 26.94
O1 SO4 I . 10.05 -2.56 26.57
O2 SO4 I . 8.25 -1.25 27.35
O3 SO4 I . 9.78 -0.33 25.82
O4 SO4 I . 10.44 -0.75 28.04
S SO4 J . 28.23 22.60 13.52
O1 SO4 J . 28.46 21.59 12.52
O2 SO4 J . 29.16 22.43 14.60
O3 SO4 J . 28.42 23.90 12.92
O4 SO4 J . 26.89 22.49 14.02
S SO4 K . 21.08 4.38 4.98
O1 SO4 K . 21.08 3.65 3.74
O2 SO4 K . 21.56 3.54 6.04
O3 SO4 K . 21.93 5.53 4.85
O4 SO4 K . 19.73 4.84 5.28
#